data_9OW2
#
_entry.id   9OW2
#
_cell.length_a   42.080
_cell.length_b   94.872
_cell.length_c   57.093
_cell.angle_alpha   90.00
_cell.angle_beta   89.99
_cell.angle_gamma   90.00
#
_symmetry.space_group_name_H-M   'P 1 21 1'
#
loop_
_entity.id
_entity.type
_entity.pdbx_description
1 polymer 'Exported protein'
2 non-polymer 'SODIUM ION'
3 non-polymer 'CHLORIDE ION'
4 non-polymer 3,6,9,12,15,18,21,24,27,30,33,36,39-TRIDECAOXAHENTETRACONTANE-1,41-DIOL
5 non-polymer 1,2-ETHANEDIOL
6 water water
#
_entity_poly.entity_id   1
_entity_poly.type   'polypeptide(L)'
_entity_poly.pdbx_seq_one_letter_code
;MIKYNNNKLIYSNMIDKKTQNSVKEILKENKINEKDIDTFIKAVNNYNKLQVKILQNNINISKSGYSSINAKQVPYNLEK
LQDNWVKKFPDYMDVN(CME)RITAFRLFKDFINSNKKFTGDSIDLNVDLDTIMNNKDAKFSTKDVEKFINFFSAIPAKD
TDDTIKIAEQIKNEWKKRKISFKNNKNIYIINGFLRYPETKNVFIGHTGICIKTKNGILFLEKYGVTSPYQVTKFKNKED
VKNYMFNRLKMSEGEIELPDPIIMENDKLMKHHHHHHHH
;
_entity_poly.pdbx_strand_id   A,B
#
# COMPACT_ATOMS: atom_id res chain seq x y z
N ASN A 7 17.55 -16.63 16.60
CA ASN A 7 18.50 -15.76 15.83
C ASN A 7 17.82 -14.40 15.67
N LYS A 8 18.31 -13.58 14.73
CA LYS A 8 17.75 -12.27 14.49
C LYS A 8 17.35 -12.11 13.02
N LEU A 9 16.16 -11.56 12.81
CA LEU A 9 15.64 -11.32 11.47
C LEU A 9 15.58 -9.82 11.21
N ILE A 10 16.22 -9.39 10.12
CA ILE A 10 16.22 -8.01 9.66
C ILE A 10 15.35 -8.00 8.41
N TYR A 11 14.19 -7.34 8.46
CA TYR A 11 13.26 -7.45 7.34
C TYR A 11 12.43 -6.20 7.09
N SER A 12 11.83 -6.19 5.90
CA SER A 12 10.95 -5.13 5.45
C SER A 12 9.71 -5.74 4.82
N ASN A 13 8.57 -5.06 4.98
CA ASN A 13 7.32 -5.47 4.37
C ASN A 13 7.03 -4.61 3.14
N MET A 14 8.02 -3.78 2.76
CA MET A 14 7.94 -2.89 1.61
C MET A 14 6.75 -1.93 1.69
N ILE A 15 6.53 -1.37 2.88
CA ILE A 15 5.44 -0.41 3.06
C ILE A 15 5.83 0.93 2.44
N ASP A 16 7.09 1.34 2.64
CA ASP A 16 7.60 2.64 2.23
C ASP A 16 8.16 2.62 0.81
N LYS A 17 8.12 3.78 0.14
CA LYS A 17 8.55 3.83 -1.25
C LYS A 17 10.07 3.76 -1.35
N LYS A 18 10.78 4.16 -0.29
CA LYS A 18 12.24 4.15 -0.32
C LYS A 18 12.78 2.72 -0.36
N THR A 19 12.17 1.83 0.43
CA THR A 19 12.62 0.44 0.45
C THR A 19 12.26 -0.21 -0.88
N GLN A 20 11.06 0.09 -1.40
CA GLN A 20 10.63 -0.45 -2.69
C GLN A 20 11.65 -0.04 -3.77
N ASN A 21 12.03 1.24 -3.78
CA ASN A 21 12.99 1.74 -4.75
C ASN A 21 14.30 0.97 -4.61
N SER A 22 14.75 0.80 -3.36
CA SER A 22 15.96 0.07 -3.05
C SER A 22 15.90 -1.34 -3.63
N VAL A 23 14.82 -2.06 -3.32
CA VAL A 23 14.61 -3.42 -3.79
C VAL A 23 14.60 -3.47 -5.32
N LYS A 24 13.87 -2.53 -5.95
CA LYS A 24 13.78 -2.47 -7.40
C LYS A 24 15.17 -2.36 -8.02
N GLU A 25 16.02 -1.50 -7.47
CA GLU A 25 17.37 -1.33 -8.01
C GLU A 25 18.06 -2.70 -8.02
N ILE A 26 18.08 -3.36 -6.87
CA ILE A 26 18.73 -4.66 -6.73
C ILE A 26 18.13 -5.64 -7.73
N LEU A 27 16.80 -5.61 -7.92
CA LEU A 27 16.14 -6.50 -8.86
C LEU A 27 16.67 -6.21 -10.27
N LYS A 28 16.61 -4.94 -10.66
CA LYS A 28 17.06 -4.48 -11.97
C LYS A 28 18.52 -4.84 -12.20
N GLU A 29 19.34 -4.73 -11.14
CA GLU A 29 20.76 -5.02 -11.23
C GLU A 29 21.00 -6.50 -11.51
N ASN A 30 20.09 -7.37 -11.08
CA ASN A 30 20.24 -8.80 -11.29
C ASN A 30 19.60 -9.25 -12.61
N LYS A 31 19.19 -8.29 -13.45
CA LYS A 31 18.68 -8.59 -14.79
C LYS A 31 17.22 -9.03 -14.81
N ILE A 32 16.45 -8.79 -13.74
CA ILE A 32 15.06 -9.15 -13.79
C ILE A 32 14.35 -8.15 -14.71
N ASN A 33 13.47 -8.67 -15.56
CA ASN A 33 12.69 -7.88 -16.50
C ASN A 33 11.99 -6.75 -15.74
N GLU A 34 12.19 -5.50 -16.21
CA GLU A 34 11.62 -4.33 -15.56
C GLU A 34 10.09 -4.41 -15.54
N LYS A 35 9.49 -4.99 -16.59
CA LYS A 35 8.05 -5.15 -16.63
C LYS A 35 7.56 -5.97 -15.44
N ASP A 36 8.23 -7.10 -15.20
CA ASP A 36 7.86 -8.01 -14.12
C ASP A 36 8.12 -7.36 -12.77
N ILE A 37 9.13 -6.49 -12.68
CA ILE A 37 9.43 -5.77 -11.45
C ILE A 37 8.26 -4.86 -11.13
N ASP A 38 7.77 -4.14 -12.14
CA ASP A 38 6.63 -3.24 -11.99
C ASP A 38 5.40 -4.04 -11.55
N THR A 39 5.14 -5.18 -12.21
CA THR A 39 4.00 -6.02 -11.89
C THR A 39 4.06 -6.47 -10.43
N PHE A 40 5.25 -6.88 -10.00
CA PHE A 40 5.48 -7.30 -8.63
C PHE A 40 5.24 -6.15 -7.65
N ILE A 41 5.75 -4.96 -7.98
CA ILE A 41 5.64 -3.82 -7.10
C ILE A 41 4.19 -3.35 -7.00
N LYS A 42 3.46 -3.44 -8.10
CA LYS A 42 2.06 -3.03 -8.04
C LYS A 42 1.27 -3.96 -7.14
N ALA A 43 1.59 -5.26 -7.17
CA ALA A 43 0.91 -6.23 -6.33
C ALA A 43 1.19 -5.88 -4.87
N VAL A 44 2.44 -5.54 -4.58
CA VAL A 44 2.90 -5.18 -3.24
C VAL A 44 2.09 -3.98 -2.73
N ASN A 45 1.97 -2.94 -3.56
CA ASN A 45 1.22 -1.76 -3.15
C ASN A 45 -0.26 -2.10 -3.03
N ASN A 46 -0.81 -2.79 -4.03
CA ASN A 46 -2.21 -3.17 -4.02
C ASN A 46 -2.53 -3.99 -2.77
N TYR A 47 -1.62 -4.90 -2.39
CA TYR A 47 -1.82 -5.71 -1.20
C TYR A 47 -1.77 -4.82 0.03
N ASN A 48 -0.71 -4.02 0.14
CA ASN A 48 -0.50 -3.14 1.28
C ASN A 48 -1.68 -2.20 1.46
N LYS A 49 -2.21 -1.66 0.36
CA LYS A 49 -3.33 -0.73 0.42
C LYS A 49 -4.54 -1.47 1.01
N LEU A 50 -4.82 -2.66 0.48
CA LEU A 50 -5.93 -3.49 0.95
C LEU A 50 -5.85 -3.76 2.45
N GLN A 51 -4.69 -4.20 2.95
CA GLN A 51 -4.57 -4.62 4.33
C GLN A 51 -3.95 -3.58 5.27
N VAL A 52 -3.83 -2.30 4.86
CA VAL A 52 -3.10 -1.31 5.62
C VAL A 52 -3.61 -1.17 7.06
N LYS A 53 -4.93 -1.17 7.27
CA LYS A 53 -5.50 -0.99 8.60
C LYS A 53 -5.13 -2.13 9.55
N ILE A 54 -4.90 -3.32 9.01
CA ILE A 54 -4.52 -4.47 9.81
C ILE A 54 -3.01 -4.40 10.09
N LEU A 55 -2.24 -4.17 9.03
CA LEU A 55 -0.78 -4.11 9.12
C LEU A 55 -0.32 -3.03 10.08
N GLN A 56 -0.99 -1.88 10.09
CA GLN A 56 -0.58 -0.77 10.94
C GLN A 56 -0.77 -1.12 12.42
N ASN A 57 -1.57 -2.16 12.73
CA ASN A 57 -1.77 -2.56 14.12
C ASN A 57 -0.76 -3.64 14.51
N ASN A 58 0.22 -3.90 13.64
CA ASN A 58 1.24 -4.91 13.92
C ASN A 58 2.54 -4.17 14.20
N ILE A 59 2.96 -4.23 15.47
CA ILE A 59 4.17 -3.58 15.96
C ILE A 59 5.41 -4.00 15.19
N ASN A 60 5.41 -5.22 14.67
CA ASN A 60 6.57 -5.80 13.99
C ASN A 60 6.72 -5.34 12.54
N ILE A 61 5.70 -4.66 11.97
CA ILE A 61 5.81 -4.20 10.60
C ILE A 61 6.44 -2.81 10.59
N SER A 62 7.46 -2.62 9.74
CA SER A 62 8.14 -1.35 9.63
C SER A 62 7.36 -0.41 8.71
N LYS A 63 7.33 0.88 9.10
CA LYS A 63 6.67 1.92 8.34
C LYS A 63 7.68 2.53 7.38
N SER A 64 8.96 2.39 7.74
CA SER A 64 10.06 2.90 6.95
C SER A 64 11.33 2.12 7.27
N GLY A 65 12.01 1.66 6.23
CA GLY A 65 13.25 0.92 6.39
C GLY A 65 13.02 -0.48 6.94
N TYR A 66 14.11 -1.08 7.42
CA TYR A 66 14.08 -2.43 7.94
C TYR A 66 13.87 -2.43 9.45
N SER A 67 13.25 -3.53 9.91
CA SER A 67 13.00 -3.79 11.32
C SER A 67 13.88 -4.96 11.72
N SER A 68 13.82 -5.31 13.01
CA SER A 68 14.59 -6.41 13.56
C SER A 68 13.77 -7.08 14.65
N ILE A 69 13.85 -8.42 14.73
CA ILE A 69 13.14 -9.16 15.77
C ILE A 69 13.95 -10.41 16.09
N ASN A 70 14.02 -10.76 17.38
CA ASN A 70 14.70 -11.96 17.82
C ASN A 70 13.67 -13.09 17.88
N ALA A 71 13.25 -13.57 16.70
CA ALA A 71 12.27 -14.64 16.58
C ALA A 71 12.54 -15.43 15.31
N LYS A 72 11.99 -16.65 15.26
CA LYS A 72 12.15 -17.57 14.14
C LYS A 72 11.38 -17.09 12.91
N GLN A 73 10.24 -16.41 13.15
CA GLN A 73 9.39 -15.87 12.10
C GLN A 73 8.83 -14.53 12.57
N VAL A 74 8.46 -13.66 11.62
CA VAL A 74 7.85 -12.39 11.96
C VAL A 74 6.38 -12.68 12.25
N PRO A 75 5.81 -12.27 13.41
CA PRO A 75 4.40 -12.54 13.68
C PRO A 75 3.48 -11.64 12.88
N TYR A 76 2.47 -12.25 12.26
CA TYR A 76 1.49 -11.58 11.44
C TYR A 76 0.10 -12.02 11.87
N ASN A 77 -0.91 -11.18 11.66
CA ASN A 77 -2.26 -11.61 12.01
C ASN A 77 -2.82 -12.29 10.77
N LEU A 78 -2.31 -13.50 10.52
CA LEU A 78 -2.64 -14.26 9.33
C LEU A 78 -4.15 -14.48 9.20
N GLU A 79 -4.82 -14.76 10.33
CA GLU A 79 -6.25 -15.02 10.29
C GLU A 79 -7.06 -13.80 9.87
N LYS A 80 -6.68 -12.61 10.36
CA LYS A 80 -7.46 -11.43 10.03
C LYS A 80 -7.16 -10.99 8.60
N LEU A 81 -5.91 -11.13 8.16
CA LEU A 81 -5.52 -10.77 6.80
C LEU A 81 -6.31 -11.58 5.78
N GLN A 82 -6.45 -12.89 6.06
CA GLN A 82 -7.19 -13.78 5.18
C GLN A 82 -8.67 -13.41 5.20
N ASP A 83 -9.20 -13.07 6.38
CA ASP A 83 -10.59 -12.67 6.46
C ASP A 83 -10.87 -11.46 5.57
N ASN A 84 -9.99 -10.46 5.64
CA ASN A 84 -10.16 -9.24 4.89
C ASN A 84 -10.08 -9.54 3.39
N TRP A 85 -9.17 -10.43 2.98
CA TRP A 85 -9.06 -10.74 1.56
C TRP A 85 -10.34 -11.37 1.03
N VAL A 86 -10.83 -12.40 1.74
CA VAL A 86 -12.01 -13.16 1.34
C VAL A 86 -13.24 -12.26 1.27
N LYS A 87 -13.32 -11.28 2.16
CA LYS A 87 -14.47 -10.37 2.19
C LYS A 87 -14.43 -9.41 1.01
N LYS A 88 -13.26 -8.83 0.71
CA LYS A 88 -13.13 -7.85 -0.36
C LYS A 88 -12.99 -8.52 -1.74
N PHE A 89 -12.25 -9.63 -1.81
CA PHE A 89 -12.06 -10.37 -3.06
C PHE A 89 -12.60 -11.78 -2.85
N PRO A 90 -13.95 -11.97 -2.95
CA PRO A 90 -14.54 -13.26 -2.69
C PRO A 90 -14.55 -14.21 -3.88
N ASP A 91 -14.22 -13.67 -5.07
CA ASP A 91 -14.28 -14.45 -6.30
C ASP A 91 -12.96 -15.12 -6.64
N TYR A 92 -11.86 -14.82 -5.92
CA TYR A 92 -10.60 -15.46 -6.20
C TYR A 92 -9.57 -15.18 -5.11
N MET A 93 -8.48 -15.97 -5.14
CA MET A 93 -7.40 -15.85 -4.17
C MET A 93 -6.26 -14.93 -4.59
N ASP A 94 -5.57 -14.50 -3.54
CA ASP A 94 -4.40 -13.65 -3.63
C ASP A 94 -3.31 -14.54 -4.21
N VAL A 95 -2.21 -13.91 -4.62
CA VAL A 95 -1.10 -14.68 -5.16
C VAL A 95 -0.40 -15.33 -3.97
N ASN A 96 0.43 -16.34 -4.23
CA ASN A 96 1.12 -17.06 -3.18
C ASN A 96 2.64 -16.96 -3.36
N ARG A 98 4.74 -19.36 -4.62
CA ARG A 98 5.17 -19.90 -5.91
C ARG A 98 5.02 -18.88 -7.03
N ILE A 99 3.82 -18.30 -7.15
CA ILE A 99 3.54 -17.30 -8.17
C ILE A 99 4.49 -16.10 -8.06
N THR A 100 4.69 -15.58 -6.84
CA THR A 100 5.53 -14.41 -6.62
C THR A 100 6.97 -14.75 -6.99
N ALA A 101 7.47 -15.87 -6.46
CA ALA A 101 8.82 -16.31 -6.78
C ALA A 101 8.97 -16.43 -8.30
N PHE A 102 7.95 -17.00 -8.95
CA PHE A 102 7.95 -17.19 -10.38
C PHE A 102 7.92 -15.85 -11.12
N ARG A 103 7.14 -14.87 -10.61
CA ARG A 103 7.06 -13.56 -11.22
C ARG A 103 8.45 -12.97 -11.45
N LEU A 104 9.35 -13.23 -10.49
CA LEU A 104 10.70 -12.69 -10.49
C LEU A 104 11.75 -13.63 -11.09
N PHE A 105 11.51 -14.94 -11.11
CA PHE A 105 12.60 -15.83 -11.51
C PHE A 105 12.30 -16.72 -12.71
N LYS A 106 11.10 -16.63 -13.29
CA LYS A 106 10.74 -17.47 -14.41
C LYS A 106 11.73 -17.37 -15.56
N ASP A 107 12.30 -16.19 -15.80
CA ASP A 107 13.21 -16.00 -16.91
C ASP A 107 14.57 -16.66 -16.67
N PHE A 108 14.81 -17.21 -15.45
CA PHE A 108 16.07 -17.88 -15.16
C PHE A 108 15.89 -19.39 -15.15
N ILE A 109 14.72 -19.85 -15.61
CA ILE A 109 14.41 -21.27 -15.68
C ILE A 109 14.09 -21.62 -17.14
N ASN A 110 14.69 -22.72 -17.60
CA ASN A 110 14.44 -23.25 -18.92
C ASN A 110 13.49 -24.44 -18.74
N SER A 111 12.44 -24.51 -19.56
CA SER A 111 11.47 -25.60 -19.49
C SER A 111 11.06 -25.96 -20.92
N ASN A 112 11.27 -27.22 -21.30
CA ASN A 112 11.00 -27.60 -22.67
C ASN A 112 10.11 -28.85 -22.75
N LYS A 113 9.14 -28.97 -21.83
CA LYS A 113 8.24 -30.09 -21.89
C LYS A 113 6.94 -29.72 -21.20
N LYS A 114 5.82 -29.96 -21.90
CA LYS A 114 4.51 -29.71 -21.32
C LYS A 114 4.27 -30.82 -20.31
N PHE A 115 3.79 -30.44 -19.12
CA PHE A 115 3.52 -31.42 -18.09
C PHE A 115 2.05 -31.82 -18.17
N THR A 116 1.80 -33.13 -18.26
CA THR A 116 0.44 -33.65 -18.30
C THR A 116 0.29 -34.73 -17.24
N GLY A 117 1.07 -34.59 -16.16
CA GLY A 117 1.01 -35.49 -15.02
C GLY A 117 0.03 -34.96 -13.98
N ASP A 118 0.27 -35.31 -12.71
CA ASP A 118 -0.60 -34.91 -11.62
C ASP A 118 -0.17 -33.55 -11.07
N SER A 119 -0.95 -32.50 -11.40
CA SER A 119 -0.67 -31.14 -10.95
C SER A 119 -1.76 -30.66 -9.99
N ILE A 120 -2.42 -31.60 -9.30
CA ILE A 120 -3.52 -31.30 -8.39
C ILE A 120 -3.13 -30.29 -7.33
N ASP A 121 -1.86 -30.31 -6.88
CA ASP A 121 -1.39 -29.43 -5.82
C ASP A 121 -1.40 -27.96 -6.23
N LEU A 122 -1.50 -27.67 -7.53
CA LEU A 122 -1.48 -26.30 -8.03
C LEU A 122 -2.89 -25.76 -8.34
N ASN A 123 -3.95 -26.54 -8.11
CA ASN A 123 -5.28 -26.07 -8.49
C ASN A 123 -5.57 -24.64 -8.04
N VAL A 124 -5.30 -24.28 -6.77
CA VAL A 124 -5.55 -22.93 -6.33
C VAL A 124 -4.71 -21.95 -7.16
N ASP A 125 -3.41 -22.22 -7.24
CA ASP A 125 -2.47 -21.40 -7.99
C ASP A 125 -2.95 -21.12 -9.43
N LEU A 126 -3.41 -22.17 -10.13
CA LEU A 126 -3.83 -22.07 -11.52
C LEU A 126 -5.10 -21.22 -11.66
N ASP A 127 -5.98 -21.31 -10.65
CA ASP A 127 -7.18 -20.51 -10.65
C ASP A 127 -6.80 -19.05 -10.48
N THR A 128 -5.78 -18.77 -9.63
CA THR A 128 -5.33 -17.41 -9.39
C THR A 128 -4.70 -16.83 -10.66
N ILE A 129 -3.95 -17.67 -11.39
CA ILE A 129 -3.29 -17.29 -12.63
C ILE A 129 -4.30 -16.95 -13.72
N MET A 130 -5.49 -17.55 -13.65
N MET A 130 -5.49 -17.54 -13.65
CA MET A 130 -6.52 -17.32 -14.64
CA MET A 130 -6.51 -17.32 -14.66
C MET A 130 -7.35 -16.08 -14.30
C MET A 130 -7.48 -16.19 -14.29
N ASN A 131 -7.57 -15.83 -13.00
CA ASN A 131 -8.48 -14.77 -12.58
C ASN A 131 -7.86 -13.55 -11.91
N ASN A 132 -6.62 -13.62 -11.42
CA ASN A 132 -6.01 -12.51 -10.70
C ASN A 132 -4.92 -11.86 -11.54
N LYS A 133 -5.16 -10.59 -11.88
CA LYS A 133 -4.27 -9.76 -12.69
C LYS A 133 -2.83 -9.77 -12.16
N ASP A 134 -2.66 -9.91 -10.84
CA ASP A 134 -1.32 -9.98 -10.26
C ASP A 134 -0.59 -11.24 -10.72
N ALA A 135 -1.33 -12.25 -11.21
CA ALA A 135 -0.72 -13.50 -11.62
C ALA A 135 -0.83 -13.73 -13.13
N LYS A 136 -0.81 -12.66 -13.91
CA LYS A 136 -0.93 -12.81 -15.36
C LYS A 136 0.39 -13.33 -15.94
N PHE A 137 0.28 -14.41 -16.74
CA PHE A 137 1.41 -15.06 -17.40
C PHE A 137 1.02 -15.55 -18.80
N SER A 138 1.96 -15.53 -19.74
CA SER A 138 1.74 -16.03 -21.09
C SER A 138 1.55 -17.55 -21.04
N THR A 139 1.03 -18.14 -22.12
CA THR A 139 0.81 -19.58 -22.14
C THR A 139 2.12 -20.31 -21.86
N LYS A 140 3.22 -19.86 -22.48
CA LYS A 140 4.50 -20.54 -22.30
C LYS A 140 4.90 -20.57 -20.83
N ASP A 141 4.77 -19.40 -20.15
CA ASP A 141 5.13 -19.25 -18.75
C ASP A 141 4.23 -20.06 -17.82
N VAL A 142 2.96 -20.24 -18.17
CA VAL A 142 2.06 -21.02 -17.34
C VAL A 142 2.47 -22.49 -17.39
N GLU A 143 2.83 -22.97 -18.60
CA GLU A 143 3.25 -24.35 -18.77
C GLU A 143 4.56 -24.59 -18.01
N LYS A 144 5.41 -23.57 -17.99
CA LYS A 144 6.67 -23.64 -17.27
C LYS A 144 6.36 -23.76 -15.78
N PHE A 145 5.38 -22.95 -15.32
CA PHE A 145 4.99 -22.92 -13.92
C PHE A 145 4.53 -24.32 -13.46
N ILE A 146 3.64 -24.93 -14.24
CA ILE A 146 3.09 -26.24 -13.93
C ILE A 146 4.20 -27.30 -13.94
N ASN A 147 5.06 -27.21 -14.94
CA ASN A 147 6.12 -28.19 -15.14
C ASN A 147 7.15 -28.08 -14.02
N PHE A 148 7.34 -26.87 -13.50
CA PHE A 148 8.35 -26.63 -12.47
C PHE A 148 7.82 -26.95 -11.07
N PHE A 149 6.56 -26.58 -10.78
CA PHE A 149 6.06 -26.72 -9.42
C PHE A 149 5.17 -27.94 -9.16
N SER A 150 4.78 -28.71 -10.19
CA SER A 150 3.97 -29.91 -9.94
C SER A 150 4.75 -30.83 -8.99
N ALA A 151 4.03 -31.49 -8.06
CA ALA A 151 4.67 -32.40 -7.11
C ALA A 151 5.51 -33.44 -7.85
N ILE A 152 6.62 -33.82 -7.21
CA ILE A 152 7.58 -34.76 -7.75
C ILE A 152 7.39 -36.12 -7.07
N PRO A 153 7.32 -37.23 -7.82
CA PRO A 153 7.17 -38.54 -7.21
C PRO A 153 8.38 -38.88 -6.34
N ALA A 154 8.13 -39.45 -5.15
CA ALA A 154 9.18 -39.82 -4.21
C ALA A 154 9.00 -41.27 -3.80
N LYS A 155 10.04 -41.85 -3.18
CA LYS A 155 10.05 -43.25 -2.78
C LYS A 155 9.86 -43.44 -1.27
N ASP A 156 9.21 -42.47 -0.62
CA ASP A 156 8.93 -42.51 0.81
C ASP A 156 10.21 -42.64 1.64
N THR A 157 11.36 -42.31 1.03
CA THR A 157 12.62 -42.37 1.78
C THR A 157 12.67 -41.13 2.67
N ASP A 158 13.42 -41.22 3.77
CA ASP A 158 13.55 -40.10 4.69
C ASP A 158 14.98 -39.57 4.65
N ASP A 159 15.73 -39.98 3.60
CA ASP A 159 17.09 -39.53 3.40
C ASP A 159 17.01 -38.32 2.47
N THR A 160 17.23 -37.12 3.03
CA THR A 160 17.12 -35.87 2.28
C THR A 160 18.00 -35.91 1.02
N ILE A 161 19.19 -36.48 1.14
CA ILE A 161 20.12 -36.55 0.03
C ILE A 161 19.49 -37.33 -1.13
N LYS A 162 18.86 -38.46 -0.83
CA LYS A 162 18.23 -39.29 -1.85
C LYS A 162 17.06 -38.54 -2.49
N ILE A 163 16.25 -37.86 -1.67
CA ILE A 163 15.12 -37.12 -2.18
C ILE A 163 15.63 -36.00 -3.09
N ALA A 164 16.68 -35.30 -2.66
CA ALA A 164 17.24 -34.20 -3.43
C ALA A 164 17.62 -34.68 -4.84
N GLU A 165 18.23 -35.87 -4.89
CA GLU A 165 18.66 -36.45 -6.16
C GLU A 165 17.46 -36.82 -7.02
N GLN A 166 16.35 -37.20 -6.40
CA GLN A 166 15.17 -37.60 -7.15
C GLN A 166 14.50 -36.34 -7.73
N ILE A 167 14.54 -35.25 -6.96
CA ILE A 167 14.01 -33.96 -7.40
C ILE A 167 14.78 -33.52 -8.64
N LYS A 168 16.11 -33.55 -8.53
CA LYS A 168 17.02 -33.17 -9.59
C LYS A 168 16.76 -34.02 -10.83
N ASN A 169 16.66 -35.35 -10.64
CA ASN A 169 16.40 -36.27 -11.73
C ASN A 169 15.05 -36.00 -12.38
N GLU A 170 14.01 -35.78 -11.56
CA GLU A 170 12.68 -35.52 -12.09
C GLU A 170 12.71 -34.23 -12.92
N TRP A 171 13.34 -33.16 -12.42
CA TRP A 171 13.43 -31.93 -13.19
C TRP A 171 14.15 -32.14 -14.52
N LYS A 172 15.14 -33.05 -14.54
CA LYS A 172 15.88 -33.34 -15.77
C LYS A 172 14.94 -34.04 -16.75
N LYS A 173 14.14 -34.98 -16.23
CA LYS A 173 13.19 -35.74 -17.04
C LYS A 173 12.13 -34.80 -17.62
N ARG A 174 11.86 -33.70 -16.89
CA ARG A 174 10.88 -32.70 -17.33
C ARG A 174 11.53 -31.63 -18.20
N LYS A 175 12.83 -31.79 -18.47
CA LYS A 175 13.58 -30.89 -19.32
C LYS A 175 13.62 -29.49 -18.70
N ILE A 176 13.80 -29.46 -17.38
CA ILE A 176 13.95 -28.21 -16.65
C ILE A 176 15.43 -28.05 -16.33
N SER A 177 15.92 -26.81 -16.50
CA SER A 177 17.29 -26.47 -16.18
C SER A 177 17.32 -25.01 -15.72
N PHE A 178 18.40 -24.62 -15.05
CA PHE A 178 18.56 -23.28 -14.53
C PHE A 178 19.63 -22.53 -15.31
N LYS A 179 19.33 -21.28 -15.71
CA LYS A 179 20.31 -20.46 -16.40
C LYS A 179 21.50 -20.27 -15.46
N ASN A 180 22.72 -20.29 -16.01
CA ASN A 180 23.93 -20.22 -15.21
C ASN A 180 24.49 -18.81 -15.06
N ASN A 181 25.47 -18.70 -14.15
CA ASN A 181 26.19 -17.47 -13.85
C ASN A 181 25.21 -16.37 -13.45
N LYS A 182 24.65 -16.51 -12.24
CA LYS A 182 23.70 -15.54 -11.71
C LYS A 182 23.82 -15.50 -10.18
N ASN A 183 23.62 -14.31 -9.60
CA ASN A 183 23.68 -14.11 -8.16
C ASN A 183 22.26 -14.17 -7.59
N ILE A 184 21.32 -14.63 -8.43
CA ILE A 184 19.94 -14.77 -8.04
C ILE A 184 19.57 -16.24 -8.23
N TYR A 185 19.01 -16.84 -7.18
CA TYR A 185 18.63 -18.25 -7.20
C TYR A 185 17.34 -18.45 -6.39
N ILE A 186 16.66 -19.55 -6.68
CA ILE A 186 15.40 -19.86 -6.03
C ILE A 186 15.58 -20.92 -4.94
N ILE A 187 14.99 -20.61 -3.78
CA ILE A 187 15.03 -21.47 -2.61
C ILE A 187 13.67 -22.16 -2.55
N ASN A 188 13.66 -23.46 -2.81
CA ASN A 188 12.43 -24.22 -2.77
C ASN A 188 12.39 -25.14 -1.57
N GLY A 189 11.43 -24.89 -0.68
CA GLY A 189 11.23 -25.70 0.50
C GLY A 189 10.25 -26.82 0.23
N PHE A 190 10.79 -28.01 -0.11
CA PHE A 190 9.97 -29.18 -0.38
C PHE A 190 9.57 -29.90 0.91
N LEU A 191 8.30 -30.33 0.94
CA LEU A 191 7.75 -31.14 2.02
C LEU A 191 7.41 -32.51 1.43
N ARG A 192 7.66 -33.58 2.19
CA ARG A 192 7.33 -34.92 1.71
C ARG A 192 5.95 -35.29 2.22
N TYR A 193 5.16 -35.92 1.33
CA TYR A 193 3.83 -36.39 1.63
C TYR A 193 3.76 -37.88 1.28
N PRO A 194 4.12 -38.78 2.22
CA PRO A 194 4.05 -40.22 1.93
C PRO A 194 2.65 -40.69 1.53
N GLU A 195 1.61 -40.00 2.04
CA GLU A 195 0.25 -40.36 1.70
C GLU A 195 0.04 -40.34 0.18
N THR A 196 0.66 -39.39 -0.51
CA THR A 196 0.55 -39.28 -1.96
C THR A 196 1.87 -39.63 -2.66
N LYS A 197 2.78 -40.27 -1.94
CA LYS A 197 4.05 -40.72 -2.51
C LYS A 197 4.72 -39.65 -3.35
N ASN A 198 4.87 -38.46 -2.76
CA ASN A 198 5.52 -37.38 -3.48
C ASN A 198 6.06 -36.35 -2.50
N VAL A 199 6.68 -35.33 -3.11
CA VAL A 199 7.23 -34.17 -2.44
C VAL A 199 6.72 -32.97 -3.23
N PHE A 200 6.50 -31.85 -2.54
CA PHE A 200 5.98 -30.66 -3.16
C PHE A 200 6.50 -29.40 -2.45
N ILE A 201 6.70 -28.35 -3.26
CA ILE A 201 7.20 -27.07 -2.77
C ILE A 201 6.14 -26.40 -1.90
N GLY A 202 6.33 -26.50 -0.59
CA GLY A 202 5.45 -25.92 0.42
C GLY A 202 5.69 -24.41 0.56
N HIS A 203 6.95 -23.99 0.45
CA HIS A 203 7.28 -22.57 0.51
C HIS A 203 8.44 -22.29 -0.42
N THR A 204 8.48 -21.06 -0.97
CA THR A 204 9.55 -20.67 -1.87
C THR A 204 9.74 -19.16 -1.83
N GLY A 205 10.97 -18.75 -2.14
CA GLY A 205 11.38 -17.37 -2.19
C GLY A 205 12.67 -17.26 -3.02
N ILE A 206 13.03 -16.02 -3.37
CA ILE A 206 14.20 -15.76 -4.18
C ILE A 206 15.32 -15.18 -3.33
N CYS A 207 16.53 -15.69 -3.59
CA CYS A 207 17.73 -15.32 -2.88
C CYS A 207 18.63 -14.50 -3.80
N ILE A 208 19.15 -13.38 -3.29
CA ILE A 208 20.05 -12.54 -4.05
C ILE A 208 21.24 -12.18 -3.16
N LYS A 209 22.45 -12.48 -3.65
CA LYS A 209 23.65 -12.18 -2.88
C LYS A 209 24.06 -10.73 -3.15
N THR A 210 24.29 -9.98 -2.06
CA THR A 210 24.72 -8.59 -2.13
C THR A 210 26.00 -8.47 -1.31
N LYS A 211 26.51 -7.23 -1.16
CA LYS A 211 27.71 -6.98 -0.39
C LYS A 211 27.40 -7.05 1.11
N ASN A 212 26.13 -6.84 1.46
CA ASN A 212 25.66 -6.89 2.83
C ASN A 212 25.43 -8.34 3.26
N GLY A 213 25.38 -9.24 2.27
CA GLY A 213 25.18 -10.66 2.52
C GLY A 213 24.23 -11.26 1.48
N ILE A 214 23.00 -11.56 1.92
CA ILE A 214 21.99 -12.15 1.06
C ILE A 214 20.64 -11.52 1.35
N LEU A 215 19.89 -11.21 0.28
CA LEU A 215 18.57 -10.63 0.38
C LEU A 215 17.56 -11.69 -0.07
N PHE A 216 16.57 -11.99 0.77
CA PHE A 216 15.56 -12.97 0.45
C PHE A 216 14.22 -12.28 0.29
N LEU A 217 13.54 -12.55 -0.83
CA LEU A 217 12.24 -11.94 -1.11
C LEU A 217 11.17 -13.03 -1.19
N GLU A 218 10.01 -12.77 -0.57
CA GLU A 218 8.94 -13.75 -0.59
C GLU A 218 7.56 -13.14 -0.36
N LYS A 219 6.57 -13.91 -0.83
CA LYS A 219 5.17 -13.69 -0.51
C LYS A 219 5.01 -14.68 0.64
N TYR A 220 4.88 -14.18 1.86
CA TYR A 220 4.88 -15.03 3.05
C TYR A 220 3.88 -16.18 2.93
N GLY A 221 2.74 -15.94 2.26
CA GLY A 221 1.70 -16.91 2.05
C GLY A 221 0.49 -16.22 1.43
N VAL A 222 -0.50 -16.99 0.95
CA VAL A 222 -1.67 -16.40 0.34
C VAL A 222 -2.41 -15.55 1.37
N THR A 223 -2.68 -14.28 0.99
CA THR A 223 -3.38 -13.28 1.81
C THR A 223 -2.40 -12.71 2.83
N SER A 224 -1.20 -13.29 2.89
CA SER A 224 -0.19 -12.87 3.84
C SER A 224 0.70 -11.79 3.25
N PRO A 225 1.50 -11.08 4.06
CA PRO A 225 2.34 -10.01 3.54
C PRO A 225 3.57 -10.47 2.77
N TYR A 226 4.16 -9.51 2.06
CA TYR A 226 5.42 -9.70 1.36
C TYR A 226 6.50 -9.40 2.37
N GLN A 227 7.64 -10.08 2.28
CA GLN A 227 8.71 -9.86 3.24
C GLN A 227 10.05 -9.96 2.53
N VAL A 228 10.93 -9.01 2.82
CA VAL A 228 12.28 -9.00 2.28
C VAL A 228 13.18 -9.04 3.50
N THR A 229 14.05 -10.07 3.58
CA THR A 229 14.92 -10.27 4.73
C THR A 229 16.38 -10.22 4.31
N LYS A 230 17.21 -9.60 5.17
CA LYS A 230 18.65 -9.49 4.93
C LYS A 230 19.35 -10.54 5.80
N PHE A 231 19.93 -11.55 5.15
CA PHE A 231 20.61 -12.61 5.88
C PHE A 231 22.13 -12.45 5.73
N LYS A 232 22.86 -12.95 6.73
CA LYS A 232 24.30 -12.89 6.75
C LYS A 232 24.88 -13.86 5.73
N ASN A 233 24.34 -15.07 5.71
CA ASN A 233 24.83 -16.12 4.83
C ASN A 233 23.69 -17.05 4.42
N LYS A 234 24.02 -18.02 3.56
CA LYS A 234 23.05 -18.97 3.05
C LYS A 234 22.54 -19.87 4.17
N GLU A 235 23.36 -20.09 5.20
CA GLU A 235 22.98 -20.96 6.31
C GLU A 235 21.72 -20.43 6.99
N ASP A 236 21.68 -19.11 7.23
CA ASP A 236 20.54 -18.47 7.87
C ASP A 236 19.30 -18.54 6.98
N VAL A 237 19.51 -18.56 5.65
CA VAL A 237 18.40 -18.63 4.70
C VAL A 237 17.77 -20.02 4.79
N LYS A 238 18.62 -21.04 4.83
CA LYS A 238 18.16 -22.42 4.95
C LYS A 238 17.38 -22.57 6.25
N ASN A 239 17.97 -22.09 7.34
N ASN A 239 17.97 -22.09 7.34
CA ASN A 239 17.35 -22.16 8.66
CA ASN A 239 17.34 -22.17 8.65
C ASN A 239 16.03 -21.40 8.68
C ASN A 239 16.00 -21.43 8.64
N TYR A 240 15.96 -20.29 7.94
CA TYR A 240 14.73 -19.51 7.87
C TYR A 240 13.62 -20.32 7.19
N MET A 241 13.96 -20.96 6.06
CA MET A 241 13.00 -21.75 5.30
C MET A 241 12.51 -22.91 6.17
N PHE A 242 13.43 -23.51 6.93
CA PHE A 242 13.10 -24.62 7.81
C PHE A 242 12.08 -24.17 8.86
N ASN A 243 12.35 -23.06 9.54
CA ASN A 243 11.48 -22.55 10.59
C ASN A 243 10.09 -22.23 10.03
N ARG A 244 10.06 -21.78 8.77
CA ARG A 244 8.80 -21.44 8.11
C ARG A 244 8.03 -22.72 7.78
N LEU A 245 8.75 -23.79 7.42
CA LEU A 245 8.11 -25.05 7.08
C LEU A 245 7.74 -25.84 8.32
N LYS A 246 8.54 -25.70 9.39
CA LYS A 246 8.31 -26.42 10.63
C LYS A 246 7.45 -25.65 11.63
N MET A 247 6.82 -24.55 11.20
CA MET A 247 5.97 -23.85 12.13
C MET A 247 4.60 -24.52 12.08
N SER A 248 4.41 -25.37 11.06
CA SER A 248 3.17 -26.12 10.86
C SER A 248 2.97 -27.11 12.03
N ILE A 252 2.96 -33.08 14.48
CA ILE A 252 3.72 -33.72 15.59
C ILE A 252 4.75 -34.70 15.02
N GLU A 253 4.33 -35.53 14.07
CA GLU A 253 5.23 -36.48 13.42
C GLU A 253 5.22 -36.19 11.92
N LEU A 254 6.05 -35.21 11.51
CA LEU A 254 6.13 -34.81 10.11
C LEU A 254 7.57 -34.98 9.61
N PRO A 255 7.78 -35.28 8.30
CA PRO A 255 9.12 -35.45 7.76
C PRO A 255 9.84 -34.11 7.56
N ASP A 256 11.16 -34.11 7.78
CA ASP A 256 11.95 -32.90 7.66
C ASP A 256 11.86 -32.39 6.22
N PRO A 257 12.00 -31.06 5.99
CA PRO A 257 11.92 -30.54 4.63
C PRO A 257 13.19 -30.76 3.81
N ILE A 258 13.03 -30.69 2.49
CA ILE A 258 14.16 -30.80 1.58
C ILE A 258 14.27 -29.41 0.94
N ILE A 259 15.25 -28.63 1.42
CA ILE A 259 15.43 -27.25 0.98
C ILE A 259 16.46 -27.22 -0.15
N MET A 260 15.96 -26.93 -1.34
CA MET A 260 16.76 -26.90 -2.55
C MET A 260 17.11 -25.48 -2.94
N GLU A 261 18.35 -25.31 -3.42
CA GLU A 261 18.90 -24.08 -3.96
C GLU A 261 19.09 -24.38 -5.45
N ASN A 262 18.15 -23.96 -6.29
CA ASN A 262 18.17 -24.37 -7.68
C ASN A 262 18.08 -25.91 -7.63
N ASP A 263 18.97 -26.63 -8.34
CA ASP A 263 18.89 -28.08 -8.32
C ASP A 263 19.84 -28.72 -7.30
N LYS A 264 20.31 -27.97 -6.31
CA LYS A 264 21.24 -28.54 -5.33
C LYS A 264 20.69 -28.44 -3.92
N LEU A 265 20.96 -29.48 -3.12
CA LEU A 265 20.54 -29.48 -1.74
C LEU A 265 21.22 -28.28 -1.11
N MET A 266 20.51 -27.57 -0.22
CA MET A 266 21.05 -26.38 0.39
C MET A 266 21.51 -26.69 1.83
N ASN B 7 -19.57 15.94 -17.20
CA ASN B 7 -19.20 17.20 -16.51
C ASN B 7 -17.68 17.39 -16.55
N LYS B 8 -17.25 18.66 -16.44
CA LYS B 8 -15.84 18.99 -16.44
C LYS B 8 -15.43 19.66 -15.14
N LEU B 9 -14.16 19.45 -14.77
CA LEU B 9 -13.56 20.07 -13.60
C LEU B 9 -12.86 21.34 -14.01
N ILE B 10 -13.11 22.44 -13.28
CA ILE B 10 -12.45 23.71 -13.50
C ILE B 10 -11.57 23.89 -12.28
N TYR B 11 -10.24 23.89 -12.46
CA TYR B 11 -9.34 23.90 -11.32
C TYR B 11 -8.02 24.64 -11.59
N SER B 12 -7.28 24.85 -10.51
CA SER B 12 -5.97 25.48 -10.52
C SER B 12 -5.09 24.75 -9.52
N ASN B 13 -3.79 24.68 -9.81
CA ASN B 13 -2.83 24.04 -8.92
C ASN B 13 -2.02 25.14 -8.22
N MET B 14 -2.50 26.38 -8.32
CA MET B 14 -1.91 27.55 -7.71
C MET B 14 -0.40 27.68 -8.03
N ILE B 15 -0.02 27.48 -9.30
CA ILE B 15 1.36 27.64 -9.70
C ILE B 15 1.71 29.14 -9.81
N ASP B 16 0.75 29.95 -10.25
CA ASP B 16 0.94 31.37 -10.53
C ASP B 16 0.56 32.26 -9.34
N LYS B 17 1.16 33.45 -9.30
CA LYS B 17 0.94 34.39 -8.21
C LYS B 17 -0.46 34.99 -8.24
N LYS B 18 -0.99 35.23 -9.44
CA LYS B 18 -2.31 35.85 -9.60
C LYS B 18 -3.40 35.01 -8.94
N THR B 19 -3.39 33.69 -9.19
CA THR B 19 -4.37 32.78 -8.62
C THR B 19 -4.20 32.71 -7.11
N GLN B 20 -2.93 32.66 -6.65
CA GLN B 20 -2.64 32.63 -5.24
C GLN B 20 -3.24 33.86 -4.56
N ASN B 21 -3.13 35.03 -5.20
CA ASN B 21 -3.66 36.28 -4.69
C ASN B 21 -5.19 36.19 -4.58
N SER B 22 -5.80 35.58 -5.59
CA SER B 22 -7.25 35.45 -5.64
C SER B 22 -7.75 34.59 -4.48
N VAL B 23 -7.07 33.46 -4.27
CA VAL B 23 -7.40 32.51 -3.22
C VAL B 23 -7.17 33.13 -1.84
N LYS B 24 -6.10 33.92 -1.70
CA LYS B 24 -5.76 34.53 -0.42
C LYS B 24 -6.85 35.50 0.01
N GLU B 25 -7.42 36.23 -0.95
CA GLU B 25 -8.48 37.17 -0.65
C GLU B 25 -9.69 36.41 -0.14
N ILE B 26 -10.07 35.33 -0.83
CA ILE B 26 -11.22 34.52 -0.45
C ILE B 26 -11.03 33.96 0.96
N LEU B 27 -9.80 33.55 1.27
CA LEU B 27 -9.47 33.04 2.61
C LEU B 27 -9.65 34.19 3.61
N LYS B 28 -9.06 35.34 3.28
CA LYS B 28 -9.14 36.54 4.12
C LYS B 28 -10.59 36.97 4.32
N GLU B 29 -11.44 36.79 3.31
CA GLU B 29 -12.84 37.15 3.40
C GLU B 29 -13.55 36.30 4.44
N ASN B 30 -13.08 35.06 4.63
CA ASN B 30 -13.71 34.13 5.56
C ASN B 30 -13.04 34.17 6.93
N LYS B 31 -12.22 35.21 7.15
CA LYS B 31 -11.56 35.48 8.42
C LYS B 31 -10.66 34.34 8.85
N ILE B 32 -9.92 33.76 7.90
CA ILE B 32 -8.96 32.74 8.24
C ILE B 32 -7.72 33.50 8.69
N ASN B 33 -7.15 33.08 9.82
CA ASN B 33 -5.97 33.72 10.37
C ASN B 33 -4.94 33.88 9.26
N GLU B 34 -4.55 35.13 8.97
CA GLU B 34 -3.59 35.43 7.91
C GLU B 34 -2.30 34.64 8.15
N LYS B 35 -1.90 34.50 9.41
CA LYS B 35 -0.72 33.75 9.79
C LYS B 35 -0.79 32.33 9.21
N ASP B 36 -2.00 31.75 9.20
CA ASP B 36 -2.19 30.42 8.67
C ASP B 36 -2.17 30.46 7.14
N ILE B 37 -2.79 31.50 6.56
CA ILE B 37 -2.81 31.67 5.11
C ILE B 37 -1.38 31.69 4.58
N ASP B 38 -0.52 32.50 5.22
CA ASP B 38 0.87 32.63 4.82
C ASP B 38 1.59 31.28 4.90
N THR B 39 1.31 30.48 5.94
CA THR B 39 1.93 29.17 6.12
C THR B 39 1.48 28.23 5.03
N PHE B 40 0.18 28.29 4.70
CA PHE B 40 -0.41 27.48 3.64
C PHE B 40 0.20 27.82 2.28
N ILE B 41 0.16 29.12 1.95
CA ILE B 41 0.70 29.62 0.70
C ILE B 41 2.18 29.27 0.62
N LYS B 42 2.92 29.38 1.73
CA LYS B 42 4.33 29.03 1.70
C LYS B 42 4.50 27.54 1.39
N ALA B 43 3.59 26.70 1.92
CA ALA B 43 3.68 25.27 1.66
C ALA B 43 3.48 25.00 0.17
N VAL B 44 2.52 25.70 -0.42
CA VAL B 44 2.19 25.57 -1.83
C VAL B 44 3.42 25.88 -2.69
N ASN B 45 4.03 27.04 -2.47
CA ASN B 45 5.19 27.44 -3.26
C ASN B 45 6.35 26.48 -3.10
N ASN B 46 6.66 26.12 -1.84
CA ASN B 46 7.75 25.19 -1.59
C ASN B 46 7.49 23.88 -2.33
N TYR B 47 6.23 23.41 -2.33
CA TYR B 47 5.86 22.19 -3.03
C TYR B 47 6.03 22.33 -4.54
N ASN B 48 5.43 23.39 -5.08
CA ASN B 48 5.48 23.66 -6.52
C ASN B 48 6.93 23.79 -6.97
N LYS B 49 7.76 24.49 -6.18
CA LYS B 49 9.17 24.67 -6.52
C LYS B 49 9.87 23.30 -6.52
N LEU B 50 9.61 22.48 -5.49
CA LEU B 50 10.21 21.15 -5.40
C LEU B 50 9.90 20.29 -6.62
N GLN B 51 8.61 20.27 -7.03
CA GLN B 51 8.14 19.39 -8.07
C GLN B 51 8.01 20.05 -9.44
N VAL B 52 8.57 21.26 -9.63
CA VAL B 52 8.39 22.02 -10.86
C VAL B 52 8.74 21.22 -12.13
N LYS B 53 9.85 20.48 -12.12
CA LYS B 53 10.28 19.77 -13.32
C LYS B 53 9.32 18.64 -13.71
N ILE B 54 8.56 18.13 -12.73
CA ILE B 54 7.60 17.07 -12.98
C ILE B 54 6.28 17.71 -13.42
N LEU B 55 5.79 18.66 -12.63
CA LEU B 55 4.54 19.36 -12.88
C LEU B 55 4.50 20.02 -14.27
N GLN B 56 5.64 20.54 -14.74
CA GLN B 56 5.66 21.24 -16.02
C GLN B 56 5.47 20.27 -17.18
N ASN B 57 5.70 18.96 -16.94
CA ASN B 57 5.51 17.94 -17.97
C ASN B 57 4.09 17.39 -17.95
N ASN B 58 3.22 18.02 -17.16
CA ASN B 58 1.82 17.62 -17.05
C ASN B 58 0.97 18.68 -17.72
N ILE B 59 0.48 18.37 -18.92
CA ILE B 59 -0.33 19.30 -19.71
C ILE B 59 -1.62 19.65 -18.96
N ASN B 60 -2.00 18.83 -17.97
CA ASN B 60 -3.22 19.03 -17.21
C ASN B 60 -3.05 20.11 -16.14
N ILE B 61 -1.81 20.47 -15.83
CA ILE B 61 -1.55 21.48 -14.81
C ILE B 61 -1.49 22.86 -15.47
N SER B 62 -2.31 23.78 -14.96
CA SER B 62 -2.39 25.13 -15.48
C SER B 62 -1.16 25.94 -15.10
N LYS B 63 -0.59 26.60 -16.11
CA LYS B 63 0.57 27.46 -15.95
C LYS B 63 0.09 28.79 -15.38
N SER B 64 -1.14 29.17 -15.73
CA SER B 64 -1.75 30.41 -15.28
C SER B 64 -3.27 30.31 -15.37
N GLY B 65 -3.96 30.70 -14.30
CA GLY B 65 -5.41 30.69 -14.28
C GLY B 65 -5.96 29.28 -14.05
N TYR B 66 -7.26 29.13 -14.34
CA TYR B 66 -7.94 27.86 -14.17
C TYR B 66 -8.07 27.13 -15.50
N SER B 67 -7.87 25.82 -15.46
N SER B 67 -7.86 25.82 -15.44
CA SER B 67 -8.00 24.99 -16.64
CA SER B 67 -7.95 24.95 -16.61
C SER B 67 -9.28 24.19 -16.50
C SER B 67 -9.16 24.04 -16.42
N SER B 68 -9.54 23.33 -17.49
CA SER B 68 -10.70 22.46 -17.46
C SER B 68 -10.35 21.14 -18.14
N ILE B 69 -10.96 20.07 -17.63
CA ILE B 69 -10.76 18.74 -18.16
C ILE B 69 -12.08 17.99 -18.05
N ASN B 70 -12.30 17.05 -18.98
CA ASN B 70 -13.49 16.20 -18.98
C ASN B 70 -13.10 14.84 -18.38
N ALA B 71 -12.88 14.83 -17.07
CA ALA B 71 -12.48 13.63 -16.35
C ALA B 71 -12.94 13.74 -14.89
N LYS B 72 -13.06 12.59 -14.22
CA LYS B 72 -13.53 12.52 -12.84
C LYS B 72 -12.45 13.02 -11.87
N GLN B 73 -11.17 12.93 -12.30
CA GLN B 73 -10.05 13.38 -11.50
C GLN B 73 -8.98 13.96 -12.42
N VAL B 74 -8.25 14.98 -11.96
CA VAL B 74 -7.17 15.57 -12.72
C VAL B 74 -6.03 14.55 -12.68
N PRO B 75 -5.49 14.08 -13.82
CA PRO B 75 -4.40 13.10 -13.77
C PRO B 75 -3.08 13.75 -13.38
N TYR B 76 -2.41 13.11 -12.44
CA TYR B 76 -1.14 13.54 -11.88
C TYR B 76 -0.16 12.36 -11.92
N ASN B 77 1.14 12.65 -12.05
CA ASN B 77 2.13 11.58 -12.03
C ASN B 77 2.47 11.36 -10.55
N LEU B 78 1.46 10.85 -9.83
CA LEU B 78 1.54 10.63 -8.40
C LEU B 78 2.78 9.84 -7.99
N GLU B 79 3.11 8.79 -8.76
CA GLU B 79 4.25 7.95 -8.42
C GLU B 79 5.57 8.69 -8.57
N LYS B 80 5.68 9.54 -9.62
CA LYS B 80 6.93 10.25 -9.86
C LYS B 80 7.06 11.39 -8.85
N LEU B 81 5.92 11.97 -8.45
CA LEU B 81 5.92 13.02 -7.43
C LEU B 81 6.33 12.45 -6.08
N GLN B 82 5.87 11.23 -5.76
CA GLN B 82 6.25 10.64 -4.48
C GLN B 82 7.73 10.29 -4.50
N ASP B 83 8.22 9.74 -5.62
CA ASP B 83 9.64 9.41 -5.73
C ASP B 83 10.53 10.62 -5.48
N ASN B 84 10.14 11.78 -6.02
CA ASN B 84 10.95 12.98 -5.91
C ASN B 84 10.92 13.44 -4.46
N TRP B 85 9.76 13.34 -3.81
CA TRP B 85 9.66 13.75 -2.43
C TRP B 85 10.57 12.94 -1.51
N VAL B 86 10.50 11.61 -1.59
CA VAL B 86 11.26 10.76 -0.70
C VAL B 86 12.75 10.85 -0.98
N LYS B 87 13.14 11.26 -2.20
CA LYS B 87 14.55 11.36 -2.51
C LYS B 87 15.14 12.65 -1.94
N LYS B 88 14.36 13.74 -1.94
CA LYS B 88 14.84 15.03 -1.47
C LYS B 88 14.49 15.28 0.00
N PHE B 89 13.50 14.55 0.52
CA PHE B 89 13.09 14.65 1.91
C PHE B 89 12.90 13.24 2.44
N PRO B 90 14.00 12.52 2.71
CA PRO B 90 13.94 11.12 3.12
C PRO B 90 13.60 10.86 4.59
N ASP B 91 13.65 11.90 5.44
CA ASP B 91 13.40 11.75 6.86
C ASP B 91 11.92 11.85 7.25
N TYR B 92 11.18 12.75 6.59
CA TYR B 92 9.77 12.91 6.93
C TYR B 92 8.93 13.00 5.66
N MET B 93 7.61 12.94 5.87
CA MET B 93 6.64 12.97 4.78
C MET B 93 6.07 14.37 4.61
N ASP B 94 5.57 14.63 3.39
CA ASP B 94 4.93 15.87 3.02
C ASP B 94 3.65 15.96 3.85
N VAL B 95 2.97 17.10 3.78
CA VAL B 95 1.71 17.21 4.48
C VAL B 95 0.68 16.45 3.63
N ASN B 96 -0.52 16.23 4.21
CA ASN B 96 -1.57 15.49 3.53
C ASN B 96 -2.84 16.35 3.47
N ARG B 98 -5.66 15.97 5.36
CA ARG B 98 -6.15 16.29 6.70
C ARG B 98 -5.41 17.50 7.28
N ILE B 99 -4.07 17.46 7.27
CA ILE B 99 -3.25 18.56 7.75
C ILE B 99 -3.59 19.87 7.04
N THR B 100 -3.71 19.81 5.70
CA THR B 100 -4.01 20.97 4.89
C THR B 100 -5.39 21.52 5.21
N ALA B 101 -6.38 20.64 5.39
CA ALA B 101 -7.72 21.10 5.70
C ALA B 101 -7.72 21.80 7.07
N PHE B 102 -7.02 21.20 8.03
CA PHE B 102 -6.95 21.72 9.38
C PHE B 102 -6.23 23.07 9.40
N ARG B 103 -5.26 23.26 8.49
CA ARG B 103 -4.51 24.51 8.41
C ARG B 103 -5.44 25.69 8.17
N LEU B 104 -6.52 25.47 7.41
CA LEU B 104 -7.45 26.53 7.06
C LEU B 104 -8.74 26.52 7.88
N PHE B 105 -9.07 25.41 8.54
CA PHE B 105 -10.39 25.34 9.17
C PHE B 105 -10.38 25.03 10.67
N LYS B 106 -9.21 24.76 11.26
CA LYS B 106 -9.14 24.40 12.67
C LYS B 106 -9.82 25.42 13.59
N ASP B 107 -9.78 26.70 13.23
CA ASP B 107 -10.35 27.72 14.10
C ASP B 107 -11.88 27.74 14.02
N PHE B 108 -12.47 26.95 13.11
CA PHE B 108 -13.93 26.93 13.03
C PHE B 108 -14.47 25.64 13.65
N ILE B 109 -13.58 24.93 14.36
CA ILE B 109 -13.94 23.73 15.09
C ILE B 109 -13.64 23.95 16.58
N ASN B 110 -14.58 23.59 17.44
CA ASN B 110 -14.39 23.65 18.89
C ASN B 110 -14.10 22.23 19.33
N SER B 111 -13.11 22.05 20.19
CA SER B 111 -12.74 20.74 20.70
C SER B 111 -12.44 20.87 22.18
N ASN B 112 -13.12 20.11 23.05
CA ASN B 112 -12.89 20.28 24.47
C ASN B 112 -12.66 18.95 25.18
N LYS B 113 -11.77 18.12 24.62
CA LYS B 113 -11.45 16.84 25.25
C LYS B 113 -10.21 16.27 24.59
N LYS B 114 -9.28 15.76 25.42
CA LYS B 114 -8.07 15.16 24.90
C LYS B 114 -8.39 13.71 24.57
N PHE B 115 -8.19 13.34 23.30
CA PHE B 115 -8.49 12.01 22.81
C PHE B 115 -7.39 11.05 23.24
N THR B 116 -7.81 9.96 23.89
CA THR B 116 -6.91 8.93 24.40
C THR B 116 -7.21 7.59 23.73
N GLY B 117 -8.18 7.57 22.82
CA GLY B 117 -8.55 6.35 22.13
C GLY B 117 -7.52 5.93 21.09
N ASP B 118 -7.99 5.15 20.11
CA ASP B 118 -7.14 4.63 19.04
C ASP B 118 -6.94 5.70 17.96
N SER B 119 -5.70 6.17 17.83
CA SER B 119 -5.31 7.20 16.87
C SER B 119 -4.22 6.67 15.93
N ILE B 120 -4.13 5.34 15.82
CA ILE B 120 -3.10 4.69 15.02
C ILE B 120 -3.14 5.16 13.56
N ASP B 121 -4.35 5.47 13.05
CA ASP B 121 -4.53 5.89 11.68
C ASP B 121 -3.83 7.22 11.37
N LEU B 122 -3.57 8.04 12.40
CA LEU B 122 -2.94 9.35 12.26
C LEU B 122 -1.44 9.31 12.51
N ASN B 123 -0.83 8.14 12.67
CA ASN B 123 0.61 8.05 12.97
C ASN B 123 1.48 8.86 12.02
N VAL B 124 1.24 8.75 10.70
CA VAL B 124 2.06 9.48 9.73
C VAL B 124 1.81 10.99 9.90
N ASP B 125 0.53 11.38 9.89
CA ASP B 125 0.10 12.75 10.09
C ASP B 125 0.77 13.38 11.32
N LEU B 126 0.86 12.63 12.42
CA LEU B 126 1.44 13.15 13.66
C LEU B 126 2.95 13.28 13.54
N ASP B 127 3.59 12.34 12.83
CA ASP B 127 5.03 12.42 12.64
C ASP B 127 5.34 13.71 11.86
N THR B 128 4.58 13.96 10.77
CA THR B 128 4.73 15.15 9.96
C THR B 128 4.53 16.41 10.82
N ILE B 129 3.51 16.40 11.68
CA ILE B 129 3.23 17.53 12.56
C ILE B 129 4.43 17.85 13.45
N MET B 130 5.19 16.83 13.84
CA MET B 130 6.32 17.02 14.74
C MET B 130 7.62 17.36 14.00
N ASN B 131 7.69 17.12 12.68
CA ASN B 131 8.95 17.27 11.98
C ASN B 131 8.91 18.15 10.73
N ASN B 132 7.72 18.43 10.18
CA ASN B 132 7.61 19.22 8.96
C ASN B 132 7.08 20.61 9.32
N LYS B 133 7.85 21.64 8.94
CA LYS B 133 7.51 23.02 9.24
C LYS B 133 6.17 23.43 8.66
N ASP B 134 5.72 22.77 7.59
CA ASP B 134 4.46 23.11 6.97
C ASP B 134 3.28 22.61 7.81
N ALA B 135 3.57 21.73 8.79
CA ALA B 135 2.55 21.14 9.65
C ALA B 135 2.66 21.58 11.12
N LYS B 136 3.31 22.70 11.39
CA LYS B 136 3.49 23.13 12.77
C LYS B 136 2.18 23.68 13.34
N PHE B 137 1.78 23.14 14.50
CA PHE B 137 0.59 23.58 15.23
C PHE B 137 0.91 23.66 16.71
N SER B 138 0.06 24.40 17.46
CA SER B 138 0.20 24.53 18.90
C SER B 138 -0.28 23.23 19.54
N THR B 139 0.03 23.02 20.83
CA THR B 139 -0.36 21.80 21.51
C THR B 139 -1.88 21.67 21.49
N LYS B 140 -2.63 22.75 21.74
CA LYS B 140 -4.07 22.66 21.78
C LYS B 140 -4.61 22.24 20.41
N ASP B 141 -4.00 22.75 19.33
CA ASP B 141 -4.42 22.44 17.96
C ASP B 141 -4.11 21.00 17.59
N VAL B 142 -2.95 20.48 18.01
CA VAL B 142 -2.62 19.09 17.74
C VAL B 142 -3.61 18.18 18.48
N GLU B 143 -3.98 18.55 19.72
CA GLU B 143 -4.92 17.75 20.48
C GLU B 143 -6.27 17.78 19.78
N LYS B 144 -6.62 18.92 19.20
CA LYS B 144 -7.87 19.06 18.46
C LYS B 144 -7.81 18.19 17.21
N PHE B 145 -6.67 18.22 16.50
CA PHE B 145 -6.48 17.46 15.28
C PHE B 145 -6.74 15.97 15.52
N ILE B 146 -6.16 15.43 16.58
CA ILE B 146 -6.31 14.04 16.94
C ILE B 146 -7.77 13.74 17.28
N ASN B 147 -8.34 14.60 18.12
CA ASN B 147 -9.70 14.44 18.61
C ASN B 147 -10.68 14.49 17.43
N PHE B 148 -10.39 15.31 16.43
CA PHE B 148 -11.28 15.47 15.28
C PHE B 148 -11.08 14.36 14.25
N PHE B 149 -9.84 14.02 13.90
CA PHE B 149 -9.59 13.07 12.83
C PHE B 149 -9.41 11.59 13.23
N SER B 150 -9.25 11.25 14.52
CA SER B 150 -9.09 9.84 14.88
C SER B 150 -10.33 9.03 14.47
N ALA B 151 -10.07 7.81 14.00
CA ALA B 151 -11.10 6.89 13.55
C ALA B 151 -12.26 6.84 14.53
N ILE B 152 -13.45 6.67 13.96
CA ILE B 152 -14.71 6.61 14.69
C ILE B 152 -15.23 5.17 14.65
N PRO B 153 -15.47 4.53 15.82
CA PRO B 153 -16.03 3.20 15.85
C PRO B 153 -17.39 3.15 15.15
N ALA B 154 -17.63 2.08 14.38
CA ALA B 154 -18.88 1.91 13.65
C ALA B 154 -19.09 0.43 13.36
N LYS B 155 -20.36 0.01 13.30
CA LYS B 155 -20.65 -1.39 13.02
C LYS B 155 -20.75 -1.58 11.51
N ASP B 156 -20.42 -2.79 11.06
CA ASP B 156 -20.43 -3.13 9.65
C ASP B 156 -21.88 -3.14 9.14
N THR B 157 -22.29 -2.02 8.53
CA THR B 157 -23.63 -1.90 7.98
C THR B 157 -23.56 -1.11 6.67
N ASP B 158 -24.50 -1.40 5.77
CA ASP B 158 -24.58 -0.77 4.47
C ASP B 158 -25.28 0.58 4.58
N ASP B 159 -25.97 0.81 5.70
CA ASP B 159 -26.73 2.02 5.93
C ASP B 159 -25.79 3.20 6.19
N THR B 160 -25.73 4.12 5.21
CA THR B 160 -24.90 5.31 5.32
C THR B 160 -25.47 6.24 6.38
N ILE B 161 -26.81 6.24 6.51
CA ILE B 161 -27.51 7.10 7.45
C ILE B 161 -27.07 6.78 8.88
N LYS B 162 -26.98 5.49 9.21
CA LYS B 162 -26.57 5.05 10.54
C LYS B 162 -25.13 5.47 10.82
N ILE B 163 -24.26 5.36 9.81
CA ILE B 163 -22.86 5.74 9.95
C ILE B 163 -22.76 7.23 10.26
N ALA B 164 -23.53 8.05 9.53
CA ALA B 164 -23.52 9.50 9.72
C ALA B 164 -23.97 9.84 11.13
N GLU B 165 -24.88 9.03 11.67
CA GLU B 165 -25.38 9.20 13.02
C GLU B 165 -24.28 8.86 14.02
N GLN B 166 -23.50 7.81 13.75
CA GLN B 166 -22.44 7.41 14.65
C GLN B 166 -21.33 8.46 14.65
N ILE B 167 -21.06 9.04 13.48
CA ILE B 167 -20.03 10.07 13.34
C ILE B 167 -20.45 11.32 14.13
N LYS B 168 -21.70 11.77 13.90
CA LYS B 168 -22.22 12.94 14.59
C LYS B 168 -22.18 12.73 16.10
N ASN B 169 -22.64 11.56 16.57
CA ASN B 169 -22.67 11.24 18.00
C ASN B 169 -21.27 11.07 18.59
N GLU B 170 -20.33 10.51 17.81
CA GLU B 170 -18.97 10.35 18.33
C GLU B 170 -18.36 11.74 18.53
N TRP B 171 -18.46 12.62 17.52
CA TRP B 171 -17.92 13.97 17.68
C TRP B 171 -18.49 14.65 18.92
N LYS B 172 -19.81 14.52 19.16
CA LYS B 172 -20.42 15.12 20.34
C LYS B 172 -19.80 14.59 21.62
N LYS B 173 -19.52 13.28 21.68
CA LYS B 173 -18.96 12.66 22.86
C LYS B 173 -17.53 13.15 23.09
N ARG B 174 -16.84 13.47 22.00
CA ARG B 174 -15.48 13.98 22.06
C ARG B 174 -15.49 15.49 22.33
N LYS B 175 -16.68 16.08 22.41
CA LYS B 175 -16.85 17.49 22.70
C LYS B 175 -16.38 18.33 21.53
N ILE B 176 -16.74 17.88 20.32
CA ILE B 176 -16.43 18.58 19.09
C ILE B 176 -17.71 19.21 18.56
N SER B 177 -17.59 20.47 18.15
CA SER B 177 -18.70 21.18 17.55
C SER B 177 -18.12 22.10 16.48
N PHE B 178 -19.00 22.58 15.60
CA PHE B 178 -18.63 23.46 14.51
C PHE B 178 -19.12 24.87 14.82
N LYS B 179 -18.29 25.87 14.47
CA LYS B 179 -18.70 27.26 14.62
C LYS B 179 -19.89 27.46 13.69
N ASN B 180 -20.81 28.36 14.07
CA ASN B 180 -22.03 28.57 13.29
C ASN B 180 -21.89 29.82 12.42
N ASN B 181 -22.82 29.93 11.46
CA ASN B 181 -22.90 31.07 10.55
C ASN B 181 -21.57 31.30 9.82
N LYS B 182 -21.11 30.28 9.11
CA LYS B 182 -19.89 30.37 8.32
C LYS B 182 -20.22 30.04 6.86
N ASN B 183 -19.47 30.65 5.94
CA ASN B 183 -19.62 30.42 4.51
C ASN B 183 -18.54 29.44 4.04
N ILE B 184 -17.86 28.84 5.03
CA ILE B 184 -16.79 27.89 4.83
C ILE B 184 -17.14 26.62 5.59
N TYR B 185 -16.96 25.45 4.94
CA TYR B 185 -17.30 24.18 5.54
C TYR B 185 -16.20 23.16 5.24
N ILE B 186 -16.12 22.11 6.05
CA ILE B 186 -15.15 21.05 5.80
C ILE B 186 -15.89 19.84 5.25
N ILE B 187 -15.35 19.26 4.17
CA ILE B 187 -15.93 18.10 3.53
C ILE B 187 -15.03 16.90 3.81
N ASN B 188 -15.51 15.99 4.66
CA ASN B 188 -14.75 14.81 5.03
C ASN B 188 -15.33 13.55 4.41
N GLY B 189 -14.52 12.91 3.56
CA GLY B 189 -14.91 11.67 2.93
C GLY B 189 -14.47 10.49 3.78
N PHE B 190 -15.44 9.86 4.47
CA PHE B 190 -15.17 8.73 5.33
C PHE B 190 -15.23 7.42 4.55
N LEU B 191 -14.33 6.51 4.92
CA LEU B 191 -14.28 5.17 4.35
C LEU B 191 -14.52 4.18 5.49
N ARG B 192 -15.27 3.12 5.18
CA ARG B 192 -15.57 2.06 6.11
C ARG B 192 -14.45 1.02 6.11
N TYR B 193 -13.97 0.68 7.30
CA TYR B 193 -12.97 -0.36 7.48
C TYR B 193 -13.57 -1.36 8.46
N PRO B 194 -14.44 -2.29 7.98
CA PRO B 194 -15.05 -3.26 8.86
C PRO B 194 -14.02 -4.13 9.57
N GLU B 195 -12.86 -4.30 8.94
CA GLU B 195 -11.77 -5.09 9.50
C GLU B 195 -11.36 -4.52 10.85
N THR B 196 -11.40 -3.19 11.01
CA THR B 196 -11.07 -2.55 12.28
C THR B 196 -12.32 -1.97 12.93
N LYS B 197 -13.49 -2.39 12.44
CA LYS B 197 -14.79 -1.98 12.98
C LYS B 197 -14.89 -0.47 13.18
N ASN B 198 -14.42 0.30 12.20
CA ASN B 198 -14.47 1.75 12.34
C ASN B 198 -14.58 2.40 10.96
N VAL B 199 -14.63 3.73 10.99
CA VAL B 199 -14.71 4.57 9.80
C VAL B 199 -13.65 5.66 9.96
N PHE B 200 -13.02 6.05 8.85
CA PHE B 200 -11.94 7.03 8.88
C PHE B 200 -11.94 7.92 7.64
N ILE B 201 -11.56 9.18 7.86
CA ILE B 201 -11.47 10.21 6.83
C ILE B 201 -10.31 9.90 5.89
N GLY B 202 -10.66 9.38 4.70
CA GLY B 202 -9.70 9.02 3.68
C GLY B 202 -9.30 10.20 2.80
N HIS B 203 -10.17 11.22 2.72
CA HIS B 203 -9.89 12.44 1.97
C HIS B 203 -10.74 13.55 2.56
N THR B 204 -10.26 14.79 2.45
CA THR B 204 -10.97 15.94 3.02
C THR B 204 -10.52 17.20 2.29
N GLY B 205 -11.42 18.19 2.30
CA GLY B 205 -11.17 19.48 1.69
C GLY B 205 -12.07 20.56 2.30
N ILE B 206 -11.81 21.79 1.85
CA ILE B 206 -12.53 22.96 2.35
C ILE B 206 -13.42 23.50 1.23
N CYS B 207 -14.67 23.78 1.60
N CYS B 207 -14.70 23.71 1.57
CA CYS B 207 -15.72 24.27 0.72
CA CYS B 207 -15.66 24.31 0.66
C CYS B 207 -16.09 25.70 1.12
C CYS B 207 -16.01 25.72 1.14
N ILE B 208 -15.87 26.67 0.22
CA ILE B 208 -16.17 28.07 0.48
C ILE B 208 -17.30 28.50 -0.45
N LYS B 209 -18.35 29.08 0.13
CA LYS B 209 -19.49 29.55 -0.63
C LYS B 209 -19.18 30.87 -1.32
N THR B 210 -19.65 31.00 -2.56
CA THR B 210 -19.50 32.21 -3.35
C THR B 210 -20.76 32.37 -4.19
N LYS B 211 -20.87 33.52 -4.87
CA LYS B 211 -22.00 33.81 -5.72
C LYS B 211 -21.84 33.05 -7.04
N ASN B 212 -20.62 33.09 -7.58
CA ASN B 212 -20.30 32.44 -8.84
C ASN B 212 -20.03 30.95 -8.64
N GLY B 213 -20.52 30.38 -7.54
CA GLY B 213 -20.36 28.96 -7.28
C GLY B 213 -19.75 28.66 -5.91
N ILE B 214 -18.90 27.63 -5.88
CA ILE B 214 -18.23 27.17 -4.67
C ILE B 214 -16.77 26.89 -4.99
N LEU B 215 -15.88 27.20 -4.05
CA LEU B 215 -14.48 26.92 -4.25
C LEU B 215 -14.08 25.81 -3.27
N PHE B 216 -13.49 24.74 -3.81
CA PHE B 216 -13.03 23.62 -3.01
C PHE B 216 -11.51 23.59 -3.06
N LEU B 217 -10.88 23.52 -1.88
CA LEU B 217 -9.43 23.50 -1.76
C LEU B 217 -8.99 22.22 -1.09
N GLU B 218 -7.96 21.58 -1.66
CA GLU B 218 -7.46 20.35 -1.11
C GLU B 218 -5.99 20.15 -1.39
N LYS B 219 -5.38 19.30 -0.55
CA LYS B 219 -4.05 18.75 -0.79
C LYS B 219 -4.49 17.40 -1.33
N TYR B 220 -4.21 17.13 -2.62
CA TYR B 220 -4.73 15.95 -3.29
C TYR B 220 -4.35 14.68 -2.54
N GLY B 221 -3.10 14.63 -2.07
CA GLY B 221 -2.59 13.51 -1.31
C GLY B 221 -1.17 13.81 -0.86
N VAL B 222 -0.61 12.95 0.00
CA VAL B 222 0.77 13.16 0.44
C VAL B 222 1.71 13.05 -0.76
N THR B 223 2.47 14.13 -0.97
CA THR B 223 3.48 14.29 -2.01
C THR B 223 2.81 14.71 -3.32
N SER B 224 1.48 14.83 -3.31
CA SER B 224 0.72 15.16 -4.50
C SER B 224 0.40 16.67 -4.53
N PRO B 225 -0.06 17.22 -5.68
CA PRO B 225 -0.30 18.65 -5.77
C PRO B 225 -1.50 19.19 -4.99
N TYR B 226 -1.50 20.52 -4.83
CA TYR B 226 -2.59 21.24 -4.23
C TYR B 226 -3.54 21.53 -5.39
N GLN B 227 -4.84 21.55 -5.10
CA GLN B 227 -5.80 21.79 -6.15
C GLN B 227 -6.96 22.61 -5.58
N VAL B 228 -7.34 23.63 -6.36
CA VAL B 228 -8.47 24.48 -6.03
C VAL B 228 -9.44 24.32 -7.19
N THR B 229 -10.68 23.89 -6.88
CA THR B 229 -11.65 23.59 -7.93
C THR B 229 -12.90 24.45 -7.77
N LYS B 230 -13.45 24.86 -8.92
CA LYS B 230 -14.66 25.68 -8.98
C LYS B 230 -15.86 24.77 -9.25
N PHE B 231 -16.83 24.74 -8.34
CA PHE B 231 -18.02 23.94 -8.53
C PHE B 231 -19.26 24.84 -8.55
N LYS B 232 -20.31 24.36 -9.23
CA LYS B 232 -21.57 25.10 -9.33
C LYS B 232 -22.39 24.95 -8.07
N ASN B 233 -22.46 23.72 -7.54
CA ASN B 233 -23.26 23.42 -6.37
C ASN B 233 -22.58 22.38 -5.48
N LYS B 234 -23.27 22.04 -4.37
CA LYS B 234 -22.78 21.09 -3.38
C LYS B 234 -22.83 19.65 -3.90
N GLU B 235 -23.76 19.35 -4.82
CA GLU B 235 -23.90 18.01 -5.36
C GLU B 235 -22.66 17.64 -6.17
N ASP B 236 -22.10 18.62 -6.88
CA ASP B 236 -20.91 18.41 -7.71
C ASP B 236 -19.69 18.21 -6.81
N VAL B 237 -19.68 18.88 -5.66
CA VAL B 237 -18.58 18.73 -4.71
C VAL B 237 -18.61 17.31 -4.17
N LYS B 238 -19.82 16.83 -3.85
CA LYS B 238 -20.04 15.49 -3.30
C LYS B 238 -19.58 14.43 -4.31
N ASN B 239 -20.01 14.58 -5.57
N ASN B 239 -20.01 14.59 -5.56
CA ASN B 239 -19.67 13.63 -6.62
CA ASN B 239 -19.67 13.67 -6.63
C ASN B 239 -18.15 13.59 -6.80
C ASN B 239 -18.15 13.58 -6.77
N TYR B 240 -17.48 14.74 -6.66
CA TYR B 240 -16.03 14.79 -6.79
C TYR B 240 -15.38 13.90 -5.73
N MET B 241 -15.78 14.09 -4.47
CA MET B 241 -15.25 13.32 -3.36
C MET B 241 -15.52 11.83 -3.54
N PHE B 242 -16.74 11.51 -3.97
CA PHE B 242 -17.13 10.12 -4.14
C PHE B 242 -16.22 9.49 -5.18
N ASN B 243 -16.00 10.19 -6.30
CA ASN B 243 -15.15 9.70 -7.37
C ASN B 243 -13.71 9.53 -6.90
N ARG B 244 -13.26 10.39 -5.99
CA ARG B 244 -11.90 10.26 -5.48
C ARG B 244 -11.75 9.00 -4.64
N LEU B 245 -12.74 8.72 -3.79
CA LEU B 245 -12.65 7.60 -2.87
C LEU B 245 -13.22 6.28 -3.39
N LYS B 246 -14.04 6.32 -4.45
CA LYS B 246 -14.65 5.10 -4.94
C LYS B 246 -13.72 4.40 -5.94
N PRO B 255 -17.52 -1.22 -0.23
CA PRO B 255 -18.52 -0.34 0.45
C PRO B 255 -18.33 1.11 0.01
N ASP B 256 -19.45 1.82 -0.16
CA ASP B 256 -19.44 3.20 -0.61
C ASP B 256 -18.94 4.13 0.49
N PRO B 257 -18.33 5.27 0.12
CA PRO B 257 -17.84 6.25 1.09
C PRO B 257 -18.98 7.09 1.66
N ILE B 258 -18.79 7.59 2.89
CA ILE B 258 -19.75 8.46 3.56
C ILE B 258 -19.17 9.88 3.51
N ILE B 259 -19.84 10.77 2.76
CA ILE B 259 -19.35 12.14 2.61
C ILE B 259 -20.09 13.05 3.59
N MET B 260 -19.32 13.69 4.47
CA MET B 260 -19.90 14.55 5.47
C MET B 260 -19.53 16.03 5.24
N GLU B 261 -20.51 16.91 5.44
CA GLU B 261 -20.36 18.36 5.38
C GLU B 261 -20.49 18.82 6.82
N ASN B 262 -19.37 19.12 7.47
CA ASN B 262 -19.39 19.39 8.91
C ASN B 262 -20.01 18.15 9.55
N ASP B 263 -21.09 18.29 10.31
CA ASP B 263 -21.69 17.14 10.98
C ASP B 263 -23.01 16.75 10.31
N LYS B 264 -23.07 16.91 8.98
CA LYS B 264 -24.26 16.58 8.22
C LYS B 264 -23.87 15.71 7.01
N LEU B 265 -24.65 14.66 6.77
CA LEU B 265 -24.42 13.79 5.63
C LEU B 265 -24.81 14.54 4.37
N MET B 266 -23.92 14.57 3.36
CA MET B 266 -24.25 15.19 2.09
C MET B 266 -25.19 14.27 1.29
#